data_3QUO
#
_entry.id   3QUO
#
_cell.length_a   87.330
_cell.length_b   87.330
_cell.length_c   78.540
_cell.angle_alpha   90.00
_cell.angle_beta   90.00
_cell.angle_gamma   120.00
#
_symmetry.space_group_name_H-M   'P 32 2 1'
#
loop_
_entity.id
_entity.type
_entity.pdbx_description
1 polymer 'FomA protein'
2 non-polymer "ADENOSINE-5'-TRIPHOSPHATE"
3 non-polymer FOSFOMYCIN
4 water water
#
_entity_poly.entity_id   1
_entity_poly.type   'polypeptide(L)'
_entity_poly.pdbx_seq_one_letter_code
;MGSSHHHHHHSSGLVPRGSHMTPDFLAIKVGGSLFSRKDEPGSLDDDAVTRFARNFARLAETYRGRMVLISGGGAFGHGA
IRDHDSTHAFSLAGLTEATFEVKKRWAEKLRGIGVDAFPLQLAAMCTLRNGIPQLRSEVLRDVLDHGALPVLAGDALFDE
HGKLWAFSSDRVPEVLLPMVEGRLRVVTLTDVDGIVTDGAGGDTILPEVDARSPEQAYAALWGSSEWDATGAMHTKLDAL
VTCARRGAECFIMRGDPGSDLEFLTAPFSSWPAHVRSTRITTTASA
;
_entity_poly.pdbx_strand_id   A
#
# COMPACT_ATOMS: atom_id res chain seq x y z
N HIS A 9 -21.23 19.31 15.71
CA HIS A 9 -21.13 18.89 14.26
C HIS A 9 -20.74 19.95 13.25
N HIS A 10 -19.71 19.60 12.47
CA HIS A 10 -19.35 20.26 11.24
C HIS A 10 -19.98 19.48 10.07
N SER A 11 -20.41 20.15 9.03
CA SER A 11 -21.02 19.44 7.91
C SER A 11 -19.89 18.86 7.04
N SER A 12 -20.22 17.78 6.33
CA SER A 12 -19.33 17.16 5.35
C SER A 12 -20.16 16.42 4.29
N GLY A 13 -19.57 15.99 3.17
CA GLY A 13 -20.33 15.26 2.16
C GLY A 13 -20.72 13.87 2.62
N LEU A 14 -22.01 13.52 2.46
CA LEU A 14 -22.44 12.19 2.81
C LEU A 14 -21.99 11.23 1.70
N VAL A 15 -21.15 10.25 2.02
CA VAL A 15 -20.62 9.29 1.01
C VAL A 15 -21.33 7.94 1.19
N PRO A 16 -22.00 7.42 0.13
CA PRO A 16 -22.62 6.14 0.23
C PRO A 16 -21.54 5.09 0.32
N ARG A 17 -21.73 4.13 1.19
CA ARG A 17 -20.68 3.13 1.42
C ARG A 17 -21.35 1.79 1.66
N GLY A 18 -20.63 0.72 1.37
CA GLY A 18 -21.10 -0.64 1.73
C GLY A 18 -20.57 -1.68 0.78
N SER A 19 -20.81 -2.95 1.10
CA SER A 19 -20.29 -4.03 0.28
C SER A 19 -20.95 -4.10 -1.11
N HIS A 20 -22.03 -3.33 -1.31
CA HIS A 20 -22.73 -3.19 -2.55
C HIS A 20 -22.14 -2.13 -3.49
N MET A 21 -21.14 -1.37 -3.01
CA MET A 21 -20.69 -0.13 -3.66
C MET A 21 -19.35 -0.43 -4.35
N THR A 22 -19.14 0.18 -5.54
CA THR A 22 -17.88 0.09 -6.27
C THR A 22 -16.90 1.11 -5.71
N PRO A 23 -15.60 0.76 -5.56
CA PRO A 23 -14.64 1.69 -5.06
C PRO A 23 -14.38 2.79 -6.06
N ASP A 24 -14.16 3.98 -5.58
CA ASP A 24 -13.72 5.10 -6.41
C ASP A 24 -12.21 5.19 -6.64
N PHE A 25 -11.42 4.54 -5.81
CA PHE A 25 -9.98 4.68 -5.87
C PHE A 25 -9.40 3.39 -5.32
N LEU A 26 -8.31 2.90 -5.96
CA LEU A 26 -7.63 1.72 -5.50
C LEU A 26 -6.23 2.06 -5.10
N ALA A 27 -5.86 1.76 -3.86
CA ALA A 27 -4.47 1.75 -3.45
C ALA A 27 -4.02 0.30 -3.32
N ILE A 28 -3.17 -0.18 -4.19
CA ILE A 28 -2.73 -1.56 -4.21
C ILE A 28 -1.30 -1.61 -3.77
N LYS A 29 -1.05 -2.30 -2.71
CA LYS A 29 0.28 -2.52 -2.18
C LYS A 29 0.76 -3.96 -2.37
N VAL A 30 1.95 -4.09 -2.97
CA VAL A 30 2.55 -5.37 -3.28
C VAL A 30 3.73 -5.62 -2.36
N GLY A 31 3.60 -6.62 -1.50
CA GLY A 31 4.60 -6.88 -0.50
C GLY A 31 5.93 -7.33 -1.09
N GLY A 32 7.02 -6.94 -0.44
CA GLY A 32 8.29 -7.35 -0.91
C GLY A 32 8.47 -8.84 -0.94
N SER A 33 7.80 -9.56 -0.04
CA SER A 33 7.90 -11.02 0.02
C SER A 33 7.55 -11.66 -1.35
N LEU A 34 6.76 -10.95 -2.14
CA LEU A 34 6.20 -11.53 -3.34
C LEU A 34 7.09 -11.40 -4.56
N PHE A 35 8.16 -10.64 -4.47
CA PHE A 35 9.05 -10.43 -5.61
C PHE A 35 10.51 -10.22 -5.31
N SER A 36 10.91 -10.50 -4.09
CA SER A 36 12.26 -10.12 -3.62
C SER A 36 12.55 -11.04 -2.48
N ARG A 37 13.78 -11.52 -2.38
CA ARG A 37 14.23 -12.23 -1.15
C ARG A 37 15.09 -11.27 -0.32
N LYS A 38 14.58 -10.85 0.84
CA LYS A 38 15.25 -9.86 1.72
C LYS A 38 16.73 -10.16 1.91
N ASP A 39 17.03 -11.44 2.13
CA ASP A 39 18.39 -11.89 2.38
C ASP A 39 19.13 -12.30 1.09
N GLU A 40 18.73 -11.74 -0.05
CA GLU A 40 19.55 -11.77 -1.26
C GLU A 40 19.67 -10.35 -1.80
N PRO A 41 20.79 -9.68 -1.51
CA PRO A 41 20.98 -8.27 -1.90
C PRO A 41 20.66 -7.98 -3.37
N GLY A 42 19.89 -6.93 -3.61
CA GLY A 42 19.48 -6.55 -4.98
C GLY A 42 18.56 -7.53 -5.69
N SER A 43 18.11 -8.57 -4.98
CA SER A 43 17.24 -9.56 -5.61
C SER A 43 15.98 -8.86 -6.01
N LEU A 44 15.65 -9.01 -7.27
CA LEU A 44 14.31 -8.77 -7.70
C LEU A 44 14.03 -9.92 -8.63
N ASP A 45 12.90 -10.54 -8.36
CA ASP A 45 12.34 -11.58 -9.18
C ASP A 45 11.67 -10.94 -10.37
N ASP A 46 12.39 -10.88 -11.50
CA ASP A 46 11.87 -10.21 -12.69
C ASP A 46 10.63 -10.88 -13.23
N ASP A 47 10.51 -12.20 -13.12
CA ASP A 47 9.31 -12.86 -13.59
C ASP A 47 8.12 -12.45 -12.77
N ALA A 48 8.31 -12.32 -11.44
CA ALA A 48 7.20 -11.99 -10.54
C ALA A 48 6.78 -10.58 -10.91
N VAL A 49 7.75 -9.69 -11.08
CA VAL A 49 7.43 -8.28 -11.41
C VAL A 49 6.68 -8.23 -12.75
N THR A 50 7.19 -9.00 -13.73
CA THR A 50 6.56 -9.04 -15.05
C THR A 50 5.10 -9.47 -15.01
N ARG A 51 4.84 -10.58 -14.34
CA ARG A 51 3.50 -11.13 -14.22
C ARG A 51 2.55 -10.26 -13.42
N PHE A 52 3.03 -9.74 -12.27
CA PHE A 52 2.19 -8.82 -11.48
C PHE A 52 1.85 -7.62 -12.32
N ALA A 53 2.85 -7.07 -13.00
CA ALA A 53 2.63 -5.87 -13.76
C ALA A 53 1.47 -6.03 -14.75
N ARG A 54 1.41 -7.19 -15.43
CA ARG A 54 0.33 -7.40 -16.39
C ARG A 54 -1.05 -7.32 -15.72
N ASN A 55 -1.14 -7.84 -14.50
CA ASN A 55 -2.38 -7.78 -13.76
C ASN A 55 -2.70 -6.38 -13.19
N PHE A 56 -1.66 -5.70 -12.72
CA PHE A 56 -1.80 -4.29 -12.31
C PHE A 56 -2.19 -3.36 -13.46
N ALA A 57 -1.62 -3.63 -14.66
CA ALA A 57 -1.92 -2.83 -15.87
C ALA A 57 -3.43 -2.86 -16.17
N ARG A 58 -4.10 -4.00 -16.02
CA ARG A 58 -5.57 -4.03 -16.25
C ARG A 58 -6.37 -3.22 -15.25
N LEU A 59 -5.94 -3.27 -13.99
CA LEU A 59 -6.56 -2.38 -12.97
C LEU A 59 -6.35 -0.92 -13.30
N ALA A 60 -5.14 -0.55 -13.74
CA ALA A 60 -4.83 0.82 -13.97
C ALA A 60 -5.61 1.41 -15.10
N GLU A 61 -5.95 0.61 -16.09
CA GLU A 61 -6.76 1.06 -17.21
C GLU A 61 -8.18 1.42 -16.73
N THR A 62 -8.76 0.54 -15.92
CA THR A 62 -10.10 0.83 -15.39
C THR A 62 -10.08 2.00 -14.42
N TYR A 63 -9.13 1.94 -13.49
N TYR A 63 -9.12 1.95 -13.50
CA TYR A 63 -8.93 2.96 -12.48
CA TYR A 63 -8.89 3.01 -12.54
C TYR A 63 -7.96 4.08 -12.95
C TYR A 63 -7.82 4.00 -13.03
N ARG A 64 -8.06 4.51 -14.22
CA ARG A 64 -7.20 5.54 -14.77
C ARG A 64 -7.29 6.82 -13.97
N GLY A 65 -6.19 7.26 -13.38
CA GLY A 65 -6.23 8.42 -12.54
C GLY A 65 -6.83 8.23 -11.16
N ARG A 66 -7.16 6.97 -10.86
CA ARG A 66 -7.90 6.59 -9.65
C ARG A 66 -7.22 5.44 -8.95
N MET A 67 -5.89 5.26 -9.14
CA MET A 67 -5.15 4.19 -8.53
C MET A 67 -3.74 4.64 -8.23
N VAL A 68 -3.18 4.06 -7.18
CA VAL A 68 -1.73 4.06 -6.99
C VAL A 68 -1.26 2.65 -6.78
N LEU A 69 -0.04 2.34 -7.23
CA LEU A 69 0.64 1.12 -6.92
C LEU A 69 1.73 1.48 -5.92
N ILE A 70 1.78 0.71 -4.81
CA ILE A 70 2.74 0.91 -3.73
C ILE A 70 3.59 -0.36 -3.60
N SER A 71 4.89 -0.20 -3.78
CA SER A 71 5.80 -1.31 -3.67
C SER A 71 6.44 -1.44 -2.30
N GLY A 72 6.45 -2.67 -1.82
CA GLY A 72 7.29 -3.06 -0.70
C GLY A 72 8.73 -2.89 -1.03
N GLY A 73 9.59 -2.86 -0.01
CA GLY A 73 11.02 -2.48 -0.22
C GLY A 73 11.85 -3.67 -0.62
N GLY A 74 11.39 -4.85 -0.22
CA GLY A 74 12.18 -6.08 -0.42
C GLY A 74 13.61 -5.99 0.08
N ALA A 75 14.52 -6.58 -0.71
CA ALA A 75 15.93 -6.66 -0.35
C ALA A 75 16.49 -5.26 -0.29
N PHE A 76 15.99 -4.41 -1.17
CA PHE A 76 16.54 -3.03 -1.28
C PHE A 76 16.25 -2.28 0.03
N GLY A 77 14.98 -2.20 0.43
CA GLY A 77 14.61 -1.51 1.67
C GLY A 77 15.17 -2.09 2.92
N HIS A 78 15.08 -3.41 3.03
CA HIS A 78 15.59 -4.02 4.23
C HIS A 78 17.14 -3.92 4.30
N GLY A 79 17.85 -4.02 3.17
CA GLY A 79 19.29 -3.76 3.16
C GLY A 79 19.67 -2.36 3.65
N ALA A 80 19.00 -1.37 3.12
CA ALA A 80 19.27 0.01 3.55
C ALA A 80 19.10 0.23 5.05
N ILE A 81 18.09 -0.41 5.65
CA ILE A 81 17.80 -0.26 7.06
C ILE A 81 18.85 -1.06 7.84
N ARG A 82 19.12 -2.28 7.37
CA ARG A 82 20.20 -3.15 7.96
C ARG A 82 21.57 -2.44 8.00
N ASP A 83 21.97 -1.82 6.89
CA ASP A 83 23.29 -1.21 6.78
C ASP A 83 23.47 0.23 7.32
N HIS A 84 22.38 0.89 7.71
CA HIS A 84 22.49 2.23 8.32
C HIS A 84 23.07 2.17 9.75
N ASP A 85 23.53 3.33 10.23
CA ASP A 85 24.12 3.49 11.57
C ASP A 85 23.08 4.15 12.47
N SER A 86 22.55 3.45 13.46
CA SER A 86 21.47 4.03 14.28
C SER A 86 21.89 5.22 15.14
N THR A 87 23.20 5.41 15.31
CA THR A 87 23.73 6.55 16.08
C THR A 87 23.64 7.86 15.28
N HIS A 88 23.31 7.76 13.99
CA HIS A 88 23.16 8.92 13.07
C HIS A 88 21.99 8.63 12.20
N ALA A 89 20.84 9.11 12.63
CA ALA A 89 19.60 8.85 11.94
C ALA A 89 19.74 9.25 10.48
N PHE A 90 20.58 10.26 10.18
CA PHE A 90 20.77 10.65 8.73
C PHE A 90 21.26 9.54 7.78
N SER A 91 21.95 8.52 8.30
CA SER A 91 22.37 7.40 7.47
C SER A 91 21.19 6.65 6.90
N LEU A 92 20.01 6.84 7.47
CA LEU A 92 18.77 6.28 6.89
C LEU A 92 18.50 6.90 5.51
N ALA A 93 19.18 8.01 5.14
CA ALA A 93 18.89 8.57 3.88
C ALA A 93 19.08 7.58 2.74
N GLY A 94 19.99 6.61 2.89
CA GLY A 94 20.09 5.64 1.82
C GLY A 94 18.83 4.87 1.52
N LEU A 95 17.87 4.80 2.48
CA LEU A 95 16.60 4.12 2.27
C LEU A 95 15.81 4.81 1.13
N THR A 96 15.96 6.11 1.01
CA THR A 96 15.23 6.79 -0.08
C THR A 96 15.70 6.40 -1.46
N GLU A 97 17.02 6.12 -1.54
CA GLU A 97 17.63 5.67 -2.76
C GLU A 97 17.24 4.21 -3.03
N ALA A 98 17.26 3.40 -1.97
CA ALA A 98 16.87 2.00 -2.08
C ALA A 98 15.44 1.83 -2.59
N THR A 99 14.50 2.57 -1.99
CA THR A 99 13.12 2.39 -2.39
C THR A 99 12.83 3.12 -3.70
N PHE A 100 13.67 4.09 -4.10
CA PHE A 100 13.55 4.61 -5.46
C PHE A 100 13.83 3.55 -6.48
N GLU A 101 14.86 2.71 -6.25
CA GLU A 101 15.20 1.64 -7.22
C GLU A 101 14.05 0.70 -7.38
N VAL A 102 13.36 0.35 -6.31
CA VAL A 102 12.24 -0.60 -6.49
CA VAL A 102 12.27 -0.57 -6.41
C VAL A 102 11.09 0.04 -7.23
N LYS A 103 10.79 1.35 -6.99
CA LYS A 103 9.80 2.03 -7.75
C LYS A 103 10.11 2.07 -9.25
N LYS A 104 11.36 2.36 -9.57
CA LYS A 104 11.89 2.31 -10.92
C LYS A 104 11.63 0.97 -11.56
N ARG A 105 11.94 -0.10 -10.89
CA ARG A 105 11.74 -1.40 -11.51
C ARG A 105 10.26 -1.66 -11.89
N TRP A 106 9.33 -1.32 -10.98
CA TRP A 106 7.92 -1.42 -11.33
C TRP A 106 7.49 -0.51 -12.47
N ALA A 107 7.93 0.76 -12.42
CA ALA A 107 7.47 1.73 -13.39
C ALA A 107 7.99 1.40 -14.80
N GLU A 108 9.27 0.98 -14.91
CA GLU A 108 9.86 0.54 -16.17
C GLU A 108 9.06 -0.59 -16.74
N LYS A 109 8.78 -1.59 -15.91
CA LYS A 109 8.01 -2.74 -16.37
C LYS A 109 6.61 -2.38 -16.86
N LEU A 110 5.93 -1.55 -16.10
CA LEU A 110 4.57 -1.12 -16.47
C LEU A 110 4.58 -0.29 -17.77
N ARG A 111 5.53 0.64 -17.93
CA ARG A 111 5.61 1.45 -19.14
C ARG A 111 5.87 0.55 -20.37
N GLY A 112 6.61 -0.53 -20.17
CA GLY A 112 6.92 -1.49 -21.22
C GLY A 112 5.71 -2.16 -21.81
N ILE A 113 4.65 -2.24 -21.01
CA ILE A 113 3.35 -2.80 -21.44
C ILE A 113 2.23 -1.75 -21.59
N GLY A 114 2.63 -0.49 -21.71
CA GLY A 114 1.73 0.58 -22.17
C GLY A 114 1.05 1.34 -21.07
N VAL A 115 1.48 1.14 -19.82
CA VAL A 115 0.87 1.90 -18.68
C VAL A 115 1.70 3.14 -18.44
N ASP A 116 1.03 4.24 -18.15
CA ASP A 116 1.70 5.53 -17.93
C ASP A 116 2.11 5.61 -16.42
N ALA A 117 3.10 4.76 -16.07
CA ALA A 117 3.58 4.60 -14.75
C ALA A 117 4.74 5.56 -14.45
N PHE A 118 4.59 6.34 -13.38
CA PHE A 118 5.57 7.32 -12.99
C PHE A 118 5.95 7.16 -11.53
N PRO A 119 7.24 6.90 -11.19
CA PRO A 119 7.67 6.74 -9.83
C PRO A 119 7.71 8.10 -9.16
N LEU A 120 7.24 8.16 -7.92
CA LEU A 120 7.32 9.38 -7.12
C LEU A 120 7.93 9.08 -5.74
N GLN A 121 8.96 9.86 -5.41
CA GLN A 121 9.67 9.80 -4.16
C GLN A 121 8.85 10.35 -3.05
N LEU A 122 8.37 9.45 -2.19
CA LEU A 122 7.46 9.94 -1.07
C LEU A 122 8.18 10.96 -0.23
N ALA A 123 9.50 10.81 0.01
CA ALA A 123 10.29 11.75 0.84
C ALA A 123 10.29 13.19 0.29
N ALA A 124 10.09 13.36 -1.02
CA ALA A 124 10.03 14.68 -1.65
C ALA A 124 8.63 15.28 -1.54
N MET A 125 7.65 14.52 -1.04
CA MET A 125 6.26 14.89 -1.06
C MET A 125 5.63 14.91 0.32
N CYS A 126 6.27 14.30 1.32
CA CYS A 126 5.63 14.01 2.61
C CYS A 126 6.63 14.14 3.71
N THR A 127 6.17 14.68 4.85
CA THR A 127 6.98 14.73 6.06
C THR A 127 6.11 14.28 7.22
N LEU A 128 6.74 14.07 8.35
CA LEU A 128 6.02 13.64 9.59
C LEU A 128 5.85 14.85 10.52
N ARG A 129 4.66 14.98 11.10
CA ARG A 129 4.43 15.99 12.14
C ARG A 129 3.61 15.35 13.25
N ASN A 130 4.18 15.35 14.46
CA ASN A 130 3.59 14.61 15.60
C ASN A 130 3.29 13.19 15.23
N GLY A 131 4.19 12.57 14.44
CA GLY A 131 4.03 11.17 14.00
C GLY A 131 3.06 10.84 12.88
N ILE A 132 2.39 11.85 12.38
CA ILE A 132 1.40 11.66 11.34
C ILE A 132 2.00 12.15 10.00
N PRO A 133 1.92 11.33 8.95
CA PRO A 133 2.47 11.69 7.65
C PRO A 133 1.61 12.87 7.12
N GLN A 134 2.26 13.79 6.46
CA GLN A 134 1.60 15.00 5.92
C GLN A 134 2.00 15.08 4.44
N LEU A 135 1.02 15.09 3.55
CA LEU A 135 1.28 15.28 2.11
C LEU A 135 1.52 16.77 1.97
N ARG A 136 2.67 17.13 1.43
CA ARG A 136 3.26 18.44 1.38
C ARG A 136 3.51 18.87 -0.10
N SER A 137 3.17 17.99 -1.03
CA SER A 137 3.35 18.26 -2.50
C SER A 137 2.04 18.06 -3.20
N GLU A 138 1.73 18.98 -4.11
CA GLU A 138 0.53 18.89 -4.95
C GLU A 138 0.73 18.01 -6.16
N VAL A 139 1.94 17.47 -6.35
CA VAL A 139 2.23 16.77 -7.55
C VAL A 139 1.49 15.43 -7.63
N LEU A 140 1.30 14.75 -6.49
CA LEU A 140 0.62 13.43 -6.54
C LEU A 140 -0.79 13.57 -7.12
N ARG A 141 -1.54 14.57 -6.62
CA ARG A 141 -2.86 14.83 -7.13
C ARG A 141 -2.83 15.18 -8.61
N ASP A 142 -1.90 16.02 -9.01
CA ASP A 142 -1.77 16.36 -10.43
C ASP A 142 -1.56 15.14 -11.34
N VAL A 143 -0.60 14.30 -10.97
CA VAL A 143 -0.25 13.08 -11.72
C VAL A 143 -1.47 12.23 -11.91
N LEU A 144 -2.23 12.03 -10.85
CA LEU A 144 -3.50 11.31 -10.92
C LEU A 144 -4.47 11.96 -11.85
N ASP A 145 -4.60 13.27 -11.72
CA ASP A 145 -5.55 14.01 -12.62
C ASP A 145 -5.17 13.98 -14.08
N HIS A 146 -3.87 13.80 -14.36
CA HIS A 146 -3.38 13.59 -15.71
C HIS A 146 -3.66 12.20 -16.25
N GLY A 147 -4.16 11.32 -15.41
CA GLY A 147 -4.54 9.95 -15.74
C GLY A 147 -3.37 8.99 -15.67
N ALA A 148 -2.26 9.42 -15.08
CA ALA A 148 -1.07 8.57 -14.92
C ALA A 148 -1.21 7.67 -13.68
N LEU A 149 -0.36 6.66 -13.57
CA LEU A 149 -0.25 5.75 -12.46
C LEU A 149 0.97 6.08 -11.58
N PRO A 150 0.76 6.76 -10.47
CA PRO A 150 1.87 6.87 -9.48
C PRO A 150 2.34 5.57 -8.99
N VAL A 151 3.65 5.35 -9.05
CA VAL A 151 4.34 4.20 -8.38
C VAL A 151 5.04 4.73 -7.11
N LEU A 152 4.52 4.30 -5.95
CA LEU A 152 4.93 4.73 -4.66
C LEU A 152 5.66 3.58 -3.90
N ALA A 153 6.24 3.88 -2.74
CA ALA A 153 6.89 2.93 -1.86
C ALA A 153 7.09 3.60 -0.52
N GLY A 154 7.55 2.83 0.44
CA GLY A 154 8.01 3.40 1.70
C GLY A 154 9.22 4.28 1.50
N ASP A 155 9.71 4.88 2.55
CA ASP A 155 10.76 5.85 2.44
C ASP A 155 11.34 6.27 3.76
N ALA A 156 12.41 7.03 3.70
CA ALA A 156 12.92 7.75 4.87
C ALA A 156 12.31 9.15 4.84
N LEU A 157 11.44 9.46 5.82
CA LEU A 157 10.81 10.77 5.86
C LEU A 157 11.40 11.63 7.00
N PHE A 158 11.53 12.94 6.73
CA PHE A 158 11.88 13.86 7.77
C PHE A 158 10.67 14.14 8.69
N ASP A 159 10.96 14.27 9.97
CA ASP A 159 10.03 14.87 10.90
C ASP A 159 10.25 16.35 11.07
N GLU A 160 9.44 16.95 11.93
CA GLU A 160 9.52 18.38 12.13
C GLU A 160 10.77 18.84 12.86
N HIS A 161 11.51 17.92 13.46
CA HIS A 161 12.79 18.15 14.11
C HIS A 161 14.01 17.83 13.23
N GLY A 162 13.77 17.41 11.99
CA GLY A 162 14.83 17.05 11.06
C GLY A 162 15.36 15.63 11.20
N LYS A 163 14.69 14.79 11.97
CA LYS A 163 15.07 13.38 12.19
C LYS A 163 14.44 12.54 11.11
N LEU A 164 15.25 11.68 10.48
CA LEU A 164 14.70 10.75 9.54
C LEU A 164 14.11 9.51 10.23
N TRP A 165 12.97 9.06 9.73
CA TRP A 165 12.32 7.85 10.14
C TRP A 165 12.02 6.93 8.95
N ALA A 166 12.17 5.62 9.13
CA ALA A 166 11.72 4.63 8.14
C ALA A 166 10.24 4.53 8.20
N PHE A 167 9.63 4.88 7.09
CA PHE A 167 8.18 4.83 6.91
C PHE A 167 7.83 3.76 5.93
N SER A 168 7.22 2.71 6.49
CA SER A 168 6.92 1.53 5.66
C SER A 168 5.95 1.79 4.51
N SER A 169 6.16 1.07 3.38
CA SER A 169 5.17 0.99 2.35
C SER A 169 3.75 0.66 2.85
N ASP A 170 3.68 -0.12 3.90
CA ASP A 170 2.37 -0.53 4.49
C ASP A 170 1.57 0.69 4.96
N ARG A 171 2.29 1.79 5.29
CA ARG A 171 1.66 3.00 5.81
C ARG A 171 1.35 4.02 4.75
N VAL A 172 1.86 3.84 3.52
CA VAL A 172 1.61 4.77 2.47
C VAL A 172 0.15 5.08 2.21
N PRO A 173 -0.76 4.08 2.27
CA PRO A 173 -2.17 4.42 2.08
C PRO A 173 -2.70 5.53 3.03
N GLU A 174 -2.10 5.64 4.21
CA GLU A 174 -2.48 6.71 5.18
C GLU A 174 -2.36 8.10 4.57
N VAL A 175 -1.35 8.24 3.73
CA VAL A 175 -1.04 9.53 3.11
C VAL A 175 -2.13 9.97 2.15
N LEU A 176 -2.86 8.97 1.61
CA LEU A 176 -3.94 9.27 0.63
C LEU A 176 -5.21 9.76 1.26
N LEU A 177 -5.35 9.56 2.57
CA LEU A 177 -6.66 9.75 3.19
C LEU A 177 -7.28 11.16 3.03
N PRO A 178 -6.49 12.24 3.20
CA PRO A 178 -7.09 13.56 3.00
C PRO A 178 -7.28 13.94 1.58
N MET A 179 -6.70 13.15 0.65
CA MET A 179 -6.61 13.52 -0.73
C MET A 179 -7.74 12.85 -1.54
N VAL A 180 -8.05 11.61 -1.20
CA VAL A 180 -9.02 10.85 -1.96
C VAL A 180 -10.43 11.18 -1.56
N GLU A 181 -11.12 11.51 -2.63
CA GLU A 181 -12.52 11.70 -2.69
C GLU A 181 -13.23 10.38 -2.99
N GLY A 182 -14.23 10.15 -2.19
CA GLY A 182 -15.13 9.08 -2.45
C GLY A 182 -14.59 7.88 -1.71
N ARG A 183 -14.87 6.70 -2.24
CA ARG A 183 -14.61 5.44 -1.58
C ARG A 183 -13.20 4.96 -1.98
N LEU A 184 -12.32 4.92 -1.03
CA LEU A 184 -10.98 4.33 -1.17
C LEU A 184 -10.97 2.89 -0.77
N ARG A 185 -10.48 2.03 -1.65
CA ARG A 185 -10.24 0.64 -1.31
C ARG A 185 -8.73 0.44 -1.25
N VAL A 186 -8.26 -0.11 -0.14
CA VAL A 186 -6.85 -0.39 0.07
C VAL A 186 -6.64 -1.87 0.09
N VAL A 187 -5.76 -2.40 -0.75
CA VAL A 187 -5.48 -3.79 -0.84
C VAL A 187 -4.01 -4.09 -0.61
N THR A 188 -3.71 -4.82 0.43
CA THR A 188 -2.34 -5.19 0.78
C THR A 188 -2.12 -6.66 0.46
N LEU A 189 -1.32 -6.87 -0.59
CA LEU A 189 -0.99 -8.20 -1.07
C LEU A 189 0.21 -8.68 -0.32
N THR A 190 0.08 -9.84 0.33
CA THR A 190 1.14 -10.42 1.09
C THR A 190 1.29 -11.90 0.84
N ASP A 191 2.06 -12.56 1.69
CA ASP A 191 2.33 -13.98 1.51
C ASP A 191 1.52 -14.89 2.43
N VAL A 192 0.40 -14.37 2.94
CA VAL A 192 -0.53 -15.09 3.76
C VAL A 192 -1.92 -14.67 3.30
N ASP A 193 -2.94 -15.46 3.59
CA ASP A 193 -4.26 -15.19 3.12
C ASP A 193 -5.03 -14.12 3.92
N GLY A 194 -4.46 -13.61 5.02
CA GLY A 194 -5.14 -12.66 5.88
C GLY A 194 -4.52 -12.78 7.27
N ILE A 195 -5.24 -12.27 8.28
CA ILE A 195 -4.84 -12.43 9.69
C ILE A 195 -5.34 -13.80 10.16
N VAL A 196 -4.38 -14.63 10.57
CA VAL A 196 -4.61 -15.99 11.03
C VAL A 196 -4.83 -15.98 12.54
N THR A 197 -5.90 -16.62 12.97
CA THR A 197 -6.26 -16.69 14.37
C THR A 197 -6.33 -18.13 14.90
N ASP A 203 -5.97 -23.04 13.31
CA ASP A 203 -5.74 -21.74 12.67
C ASP A 203 -6.78 -21.48 11.56
N THR A 204 -7.31 -20.27 11.54
CA THR A 204 -8.23 -19.85 10.52
C THR A 204 -7.99 -18.39 10.22
N ILE A 205 -8.41 -17.94 9.05
CA ILE A 205 -8.40 -16.52 8.73
C ILE A 205 -9.55 -15.81 9.44
N LEU A 206 -9.26 -14.61 9.91
CA LEU A 206 -10.29 -13.73 10.43
C LEU A 206 -10.87 -12.99 9.26
N PRO A 207 -12.12 -13.26 8.89
CA PRO A 207 -12.55 -12.63 7.67
C PRO A 207 -12.93 -11.16 7.76
N GLU A 208 -13.33 -10.69 8.94
CA GLU A 208 -13.82 -9.34 9.13
C GLU A 208 -13.22 -8.79 10.42
N VAL A 209 -12.73 -7.56 10.33
CA VAL A 209 -12.23 -6.81 11.46
C VAL A 209 -12.96 -5.50 11.51
N ASP A 210 -13.53 -5.12 12.66
CA ASP A 210 -14.13 -3.76 12.78
C ASP A 210 -13.11 -2.83 13.34
N ALA A 211 -12.75 -1.82 12.55
CA ALA A 211 -11.69 -0.89 12.92
C ALA A 211 -11.99 -0.05 14.13
N ARG A 212 -13.26 0.05 14.50
CA ARG A 212 -13.61 0.72 15.70
C ARG A 212 -13.13 0.00 16.92
N SER A 213 -13.06 -1.30 16.89
CA SER A 213 -12.63 -2.05 18.08
C SER A 213 -12.00 -3.38 17.59
N PRO A 214 -10.74 -3.28 17.07
CA PRO A 214 -10.04 -4.41 16.43
C PRO A 214 -9.16 -5.24 17.36
N GLU A 215 -9.49 -5.21 18.63
CA GLU A 215 -8.64 -5.86 19.65
C GLU A 215 -8.44 -7.36 19.36
N GLN A 216 -9.43 -8.07 18.83
CA GLN A 216 -9.21 -9.49 18.51
C GLN A 216 -8.23 -9.79 17.39
N ALA A 217 -8.08 -8.87 16.43
CA ALA A 217 -7.09 -9.02 15.37
C ALA A 217 -5.69 -8.83 15.93
N TYR A 218 -5.51 -7.85 16.83
CA TYR A 218 -4.21 -7.68 17.46
C TYR A 218 -3.82 -8.86 18.31
N ALA A 219 -4.81 -9.44 19.00
CA ALA A 219 -4.61 -10.62 19.83
C ALA A 219 -4.13 -11.81 18.98
N ALA A 220 -4.54 -11.85 17.71
CA ALA A 220 -4.11 -12.93 16.79
C ALA A 220 -2.68 -12.88 16.38
N LEU A 221 -2.14 -11.68 16.23
CA LEU A 221 -0.77 -11.54 15.90
C LEU A 221 0.07 -11.96 17.07
N TRP A 222 -0.38 -11.72 18.31
CA TRP A 222 0.38 -12.19 19.48
C TRP A 222 0.48 -13.72 19.43
N GLY A 223 -0.64 -14.39 19.14
CA GLY A 223 -0.63 -15.84 18.82
C GLY A 223 0.50 -16.25 17.84
N SER A 224 0.57 -15.55 16.71
CA SER A 224 1.49 -15.81 15.56
C SER A 224 2.74 -14.86 15.34
N SER A 225 3.07 -14.00 16.32
CA SER A 225 4.18 -13.01 16.22
C SER A 225 4.21 -12.23 14.90
N ALA A 232 6.01 -6.31 10.67
CA ALA A 232 5.27 -6.68 9.45
C ALA A 232 3.77 -6.60 9.58
N MET A 233 3.12 -7.66 10.09
CA MET A 233 1.68 -7.70 10.08
C MET A 233 1.09 -6.65 11.02
N HIS A 234 1.78 -6.37 12.11
CA HIS A 234 1.31 -5.32 13.08
C HIS A 234 1.25 -3.98 12.36
N THR A 235 2.27 -3.71 11.57
CA THR A 235 2.28 -2.45 10.85
C THR A 235 1.14 -2.39 9.85
N LYS A 236 0.92 -3.49 9.14
CA LYS A 236 -0.22 -3.56 8.20
C LYS A 236 -1.52 -3.31 8.90
N LEU A 237 -1.74 -3.99 10.03
CA LEU A 237 -3.00 -3.82 10.75
C LEU A 237 -3.16 -2.35 11.20
N ASP A 238 -2.13 -1.80 11.83
CA ASP A 238 -2.17 -0.39 12.27
C ASP A 238 -2.58 0.50 11.10
N ALA A 239 -1.94 0.35 9.96
CA ALA A 239 -2.18 1.28 8.81
C ALA A 239 -3.63 1.14 8.30
N LEU A 240 -4.07 -0.10 8.19
CA LEU A 240 -5.35 -0.38 7.61
C LEU A 240 -6.46 -0.03 8.57
N VAL A 241 -6.27 -0.25 9.88
CA VAL A 241 -7.24 0.31 10.85
C VAL A 241 -7.35 1.79 10.75
N THR A 242 -6.20 2.52 10.65
CA THR A 242 -6.19 3.95 10.52
C THR A 242 -6.98 4.41 9.30
N CYS A 243 -6.74 3.72 8.20
CA CYS A 243 -7.46 4.02 6.95
C CYS A 243 -8.99 3.74 7.05
N ALA A 244 -9.37 2.58 7.59
CA ALA A 244 -10.76 2.15 7.80
C ALA A 244 -11.53 3.08 8.70
N ARG A 245 -10.85 3.59 9.74
CA ARG A 245 -11.49 4.60 10.62
C ARG A 245 -11.81 5.89 9.90
N ARG A 246 -11.14 6.21 8.77
CA ARG A 246 -11.43 7.28 7.88
C ARG A 246 -12.18 6.87 6.58
N GLY A 247 -12.84 5.73 6.63
CA GLY A 247 -13.86 5.41 5.65
C GLY A 247 -13.40 4.39 4.66
N ALA A 248 -12.12 4.07 4.69
CA ALA A 248 -11.59 3.16 3.63
C ALA A 248 -12.05 1.72 3.85
N GLU A 249 -12.10 0.96 2.74
CA GLU A 249 -12.41 -0.46 2.77
C GLU A 249 -11.11 -1.15 2.54
N CYS A 250 -10.58 -1.83 3.54
CA CYS A 250 -9.23 -2.34 3.46
C CYS A 250 -9.16 -3.88 3.53
N PHE A 251 -8.13 -4.44 2.88
CA PHE A 251 -7.95 -5.87 2.75
C PHE A 251 -6.52 -6.27 2.94
N ILE A 252 -6.33 -7.36 3.64
CA ILE A 252 -5.06 -8.09 3.66
C ILE A 252 -5.37 -9.42 2.98
N MET A 253 -4.63 -9.75 1.94
CA MET A 253 -4.88 -10.97 1.21
C MET A 253 -3.63 -11.48 0.52
N ARG A 254 -3.63 -12.69 -0.03
CA ARG A 254 -2.42 -13.31 -0.57
C ARG A 254 -2.19 -12.84 -1.99
N GLY A 255 -0.98 -12.38 -2.31
CA GLY A 255 -0.63 -12.07 -3.63
C GLY A 255 -0.05 -13.28 -4.34
N ASP A 256 -0.23 -13.29 -5.65
CA ASP A 256 0.30 -14.35 -6.52
C ASP A 256 0.50 -13.74 -7.89
N PRO A 257 1.73 -13.78 -8.45
CA PRO A 257 2.02 -13.01 -9.67
C PRO A 257 1.03 -13.21 -10.82
N GLY A 258 0.56 -14.42 -11.02
CA GLY A 258 -0.31 -14.72 -12.14
C GLY A 258 -1.77 -14.57 -11.86
N SER A 259 -2.16 -14.21 -10.64
CA SER A 259 -3.58 -14.23 -10.28
C SER A 259 -4.28 -13.04 -10.89
N ASP A 260 -5.48 -13.26 -11.43
CA ASP A 260 -6.28 -12.20 -12.04
C ASP A 260 -6.81 -11.34 -10.92
N LEU A 261 -6.73 -10.02 -11.08
CA LEU A 261 -7.17 -9.13 -10.00
C LEU A 261 -8.41 -8.33 -10.37
N GLU A 262 -9.08 -8.71 -11.46
CA GLU A 262 -10.20 -7.89 -11.97
C GLU A 262 -11.26 -7.67 -10.92
N PHE A 263 -11.46 -8.67 -10.05
CA PHE A 263 -12.39 -8.59 -8.95
C PHE A 263 -12.15 -7.40 -8.03
N LEU A 264 -10.91 -6.87 -8.01
CA LEU A 264 -10.64 -5.67 -7.18
C LEU A 264 -11.33 -4.38 -7.65
N THR A 265 -11.90 -4.39 -8.86
CA THR A 265 -12.76 -3.29 -9.38
C THR A 265 -14.21 -3.36 -8.92
N ALA A 266 -14.61 -4.51 -8.37
CA ALA A 266 -15.97 -4.86 -8.10
C ALA A 266 -16.39 -4.66 -6.67
N PRO A 267 -17.71 -4.52 -6.44
CA PRO A 267 -18.18 -4.43 -5.05
C PRO A 267 -17.84 -5.70 -4.31
N PHE A 268 -17.48 -5.58 -3.05
CA PHE A 268 -17.08 -6.77 -2.30
C PHE A 268 -18.11 -7.90 -2.33
N SER A 269 -19.39 -7.55 -2.23
CA SER A 269 -20.42 -8.58 -2.26
C SER A 269 -20.44 -9.37 -3.57
N SER A 270 -19.85 -8.87 -4.67
CA SER A 270 -19.74 -9.56 -5.94
C SER A 270 -18.45 -10.32 -6.17
N TRP A 271 -17.55 -10.37 -5.19
CA TRP A 271 -16.29 -11.09 -5.39
C TRP A 271 -16.47 -12.60 -5.58
N PRO A 272 -15.59 -13.22 -6.38
CA PRO A 272 -15.65 -14.67 -6.53
C PRO A 272 -15.53 -15.43 -5.23
N ALA A 273 -16.17 -16.58 -5.13
CA ALA A 273 -16.30 -17.25 -3.88
C ALA A 273 -14.97 -17.81 -3.37
N HIS A 274 -14.01 -18.01 -4.27
CA HIS A 274 -12.74 -18.58 -3.85
C HIS A 274 -11.81 -17.61 -3.13
N VAL A 275 -12.08 -16.32 -3.27
CA VAL A 275 -11.19 -15.27 -2.73
C VAL A 275 -11.24 -15.27 -1.21
N ARG A 276 -10.06 -15.29 -0.58
CA ARG A 276 -9.92 -15.29 0.85
C ARG A 276 -9.20 -14.02 1.27
N SER A 277 -9.66 -13.36 2.32
CA SER A 277 -9.02 -12.10 2.77
C SER A 277 -9.43 -11.79 4.20
N THR A 278 -8.72 -10.84 4.83
CA THR A 278 -9.21 -10.15 6.02
C THR A 278 -9.64 -8.76 5.57
N ARG A 279 -10.91 -8.46 5.75
CA ARG A 279 -11.55 -7.20 5.47
C ARG A 279 -11.67 -6.32 6.69
N ILE A 280 -11.10 -5.13 6.61
CA ILE A 280 -11.08 -4.17 7.73
C ILE A 280 -11.90 -2.91 7.31
N THR A 281 -12.97 -2.67 8.06
CA THR A 281 -13.91 -1.58 7.85
C THR A 281 -14.48 -1.09 9.20
N THR A 282 -15.14 0.06 9.16
CA THR A 282 -16.09 0.47 10.21
C THR A 282 -17.48 0.24 9.63
N THR A 283 -18.53 0.41 10.44
CA THR A 283 -19.89 0.00 9.99
C THR A 283 -20.38 0.73 8.70
N ALA A 284 -20.91 -0.08 7.77
CA ALA A 284 -20.71 0.07 6.26
C ALA A 284 -19.27 -0.41 5.81
#